data_2D62
#
_entry.id   2D62
#
_cell.length_a   119.304
_cell.length_b   119.304
_cell.length_c   180.503
_cell.angle_alpha   90.00
_cell.angle_beta   90.00
_cell.angle_gamma   120.00
#
_symmetry.space_group_name_H-M   'P 61 2 2'
#
loop_
_entity.id
_entity.type
_entity.pdbx_description
1 polymer 'multiple sugar-binding transport ATP-binding protein'
2 non-polymer 'SULFATE ION'
3 non-polymer 'PYROPHOSPHATE 2-'
4 water water
#
_entity_poly.entity_id   1
_entity_poly.type   'polypeptide(L)'
_entity_poly.pdbx_seq_one_letter_code
;(MSE)IG(MSE)AEVKLINIWKRFGDVTAVKDLSLEIKDGEFLVLLGPSGCGKTTTLR(MSE)IAGLEEPTRGQIYIEDN
LVADPEKGVFVPPKERDVA(MSE)VFQSYALYPH(MSE)TVYDNIAFPLKLRKVPKQEIDKRVREVAE(MSE)LGLTELL
NRKPRELSGGQRQRVALGRAIIRRPKVFL(MSE)DEPLSNLDAKLRVK(MSE)RAELKKLQRQLGVTTIYVTHDQVEA
(MSE)T(MSE)GDRIAV(MSE)NKGELQQVGTPDEVYYKPVNTFVAGFIGSPP(MSE)NFLDATITDDGFLDFGEFKLKL
LQDQFEVLEEEN(MSE)VGKEVIFGIRPEDVHDASFTHIDVPEENTVKATVDIIENLGGEKIVHLRRGNISFTAKFPKES
KVREGDEVSVVFD(MSE)KKIHIFRKDTEKAIF
;
_entity_poly.pdbx_strand_id   A
#
loop_
_chem_comp.id
_chem_comp.type
_chem_comp.name
_chem_comp.formula
POP non-polymer 'PYROPHOSPHATE 2-' 'H2 O7 P2 -2'
SO4 non-polymer 'SULFATE ION' 'O4 S -2'
#
# COMPACT_ATOMS: atom_id res chain seq x y z
N MSE A 1 -6.60 8.36 18.06
CA MSE A 1 -7.84 7.56 17.84
C MSE A 1 -8.64 8.08 16.65
O MSE A 1 -8.56 7.53 15.54
CB MSE A 1 -8.72 7.58 19.09
CG MSE A 1 -10.06 6.88 18.91
SE MSE A 1 -11.24 7.11 20.43
CE MSE A 1 -11.99 8.83 19.98
N ILE A 2 -9.41 9.14 16.88
CA ILE A 2 -10.23 9.72 15.82
C ILE A 2 -10.86 11.07 16.21
N GLY A 3 -10.23 12.16 15.76
CA GLY A 3 -10.75 13.49 16.02
C GLY A 3 -11.47 13.94 14.76
N MSE A 4 -11.16 15.13 14.26
CA MSE A 4 -11.79 15.60 13.02
C MSE A 4 -10.93 15.17 11.84
O MSE A 4 -9.75 15.52 11.75
CB MSE A 4 -11.95 17.11 12.99
CG MSE A 4 -12.52 17.62 11.66
SE MSE A 4 -12.63 19.55 11.43
CE MSE A 4 -10.83 19.87 10.78
N ALA A 5 -11.52 14.43 10.92
CA ALA A 5 -10.80 13.97 9.73
C ALA A 5 -10.53 15.17 8.83
N GLU A 6 -9.33 15.20 8.25
CA GLU A 6 -9.01 16.30 7.37
C GLU A 6 -9.78 16.13 6.06
N VAL A 7 -10.02 14.88 5.66
CA VAL A 7 -10.80 14.57 4.47
C VAL A 7 -11.69 13.39 4.80
N LYS A 8 -12.96 13.46 4.41
CA LYS A 8 -13.89 12.37 4.69
C LYS A 8 -14.84 12.10 3.55
N LEU A 9 -14.87 10.84 3.12
CA LEU A 9 -15.74 10.39 2.04
C LEU A 9 -16.81 9.53 2.70
N ILE A 10 -18.05 9.71 2.28
CA ILE A 10 -19.17 8.97 2.86
C ILE A 10 -20.05 8.35 1.78
N ASN A 11 -20.09 7.03 1.74
CA ASN A 11 -20.92 6.30 0.78
C ASN A 11 -20.73 6.84 -0.63
N ILE A 12 -19.48 7.03 -1.01
CA ILE A 12 -19.16 7.57 -2.32
C ILE A 12 -19.20 6.54 -3.45
N TRP A 13 -19.88 6.90 -4.52
CA TRP A 13 -19.98 6.04 -5.70
C TRP A 13 -19.61 6.84 -6.94
N LYS A 14 -19.07 6.16 -7.95
CA LYS A 14 -18.76 6.82 -9.20
C LYS A 14 -19.00 5.84 -10.32
N ARG A 15 -19.93 6.18 -11.20
CA ARG A 15 -20.27 5.33 -12.33
C ARG A 15 -19.96 6.03 -13.63
N PHE A 16 -19.50 5.24 -14.60
CA PHE A 16 -19.20 5.71 -15.95
C PHE A 16 -19.97 4.74 -16.83
N GLY A 17 -21.19 5.14 -17.21
CA GLY A 17 -22.00 4.26 -18.02
C GLY A 17 -22.43 3.10 -17.13
N ASP A 18 -22.24 1.87 -17.59
CA ASP A 18 -22.62 0.70 -16.81
C ASP A 18 -21.41 0.17 -16.03
N VAL A 19 -20.37 1.00 -15.96
CA VAL A 19 -19.15 0.63 -15.25
C VAL A 19 -19.05 1.38 -13.93
N THR A 20 -19.01 0.63 -12.83
CA THR A 20 -18.89 1.23 -11.51
C THR A 20 -17.41 1.29 -11.15
N ALA A 21 -16.85 2.50 -11.14
CA ALA A 21 -15.43 2.68 -10.83
C ALA A 21 -15.17 2.68 -9.34
N VAL A 22 -16.07 3.30 -8.58
CA VAL A 22 -15.94 3.37 -7.14
C VAL A 22 -17.28 2.98 -6.55
N LYS A 23 -17.26 2.09 -5.57
CA LYS A 23 -18.50 1.62 -4.97
C LYS A 23 -18.64 1.77 -3.46
N ASP A 24 -19.65 2.52 -3.05
CA ASP A 24 -19.96 2.75 -1.64
C ASP A 24 -18.71 2.94 -0.77
N LEU A 25 -17.87 3.88 -1.16
CA LEU A 25 -16.64 4.16 -0.46
C LEU A 25 -16.76 5.15 0.71
N SER A 26 -16.33 4.70 1.88
CA SER A 26 -16.32 5.54 3.09
C SER A 26 -14.88 5.50 3.58
N LEU A 27 -14.28 6.68 3.77
CA LEU A 27 -12.91 6.75 4.21
C LEU A 27 -12.58 8.09 4.86
N GLU A 28 -11.83 8.04 5.95
CA GLU A 28 -11.43 9.25 6.65
C GLU A 28 -9.91 9.36 6.58
N ILE A 29 -9.42 10.52 6.14
CA ILE A 29 -7.98 10.74 6.04
C ILE A 29 -7.63 11.68 7.18
N LYS A 30 -6.59 11.33 7.93
CA LYS A 30 -6.17 12.14 9.07
C LYS A 30 -5.33 13.35 8.70
N ASP A 31 -5.50 14.41 9.48
CA ASP A 31 -4.77 15.65 9.25
C ASP A 31 -3.27 15.42 9.44
N GLY A 32 -2.49 15.77 8.42
CA GLY A 32 -1.05 15.61 8.49
C GLY A 32 -0.47 14.26 8.10
N GLU A 33 -1.32 13.26 7.84
CA GLU A 33 -0.78 11.95 7.47
C GLU A 33 -0.50 11.81 5.98
N PHE A 34 0.33 10.83 5.66
CA PHE A 34 0.67 10.51 4.29
C PHE A 34 -0.14 9.24 4.03
N LEU A 35 -1.29 9.38 3.37
CA LEU A 35 -2.18 8.25 3.09
C LEU A 35 -2.02 7.76 1.65
N VAL A 36 -1.69 6.48 1.50
CA VAL A 36 -1.51 5.90 0.18
C VAL A 36 -2.72 5.08 -0.26
N LEU A 37 -3.22 5.33 -1.46
CA LEU A 37 -4.32 4.56 -2.01
C LEU A 37 -3.61 3.53 -2.87
N LEU A 38 -3.61 2.28 -2.42
CA LEU A 38 -2.92 1.21 -3.14
C LEU A 38 -3.89 0.18 -3.71
N GLY A 39 -3.65 -0.21 -4.95
CA GLY A 39 -4.51 -1.19 -5.58
C GLY A 39 -4.08 -1.49 -7.00
N PRO A 40 -4.56 -2.60 -7.58
CA PRO A 40 -4.20 -2.94 -8.95
C PRO A 40 -4.83 -1.98 -9.95
N SER A 41 -4.33 -1.98 -11.17
CA SER A 41 -4.86 -1.12 -12.21
C SER A 41 -6.36 -1.31 -12.36
N GLY A 42 -7.09 -0.19 -12.43
CA GLY A 42 -8.53 -0.24 -12.57
C GLY A 42 -9.32 -0.45 -11.30
N CYS A 43 -8.69 -0.28 -10.14
CA CYS A 43 -9.40 -0.48 -8.88
C CYS A 43 -10.19 0.73 -8.41
N GLY A 44 -10.06 1.84 -9.12
CA GLY A 44 -10.79 3.04 -8.76
C GLY A 44 -10.03 4.08 -7.94
N LYS A 45 -8.75 3.83 -7.68
CA LYS A 45 -7.97 4.78 -6.88
C LYS A 45 -7.77 6.15 -7.52
N THR A 46 -7.55 6.20 -8.83
CA THR A 46 -7.37 7.48 -9.52
C THR A 46 -8.68 8.28 -9.54
N THR A 47 -9.79 7.59 -9.76
CA THR A 47 -11.10 8.23 -9.79
C THR A 47 -11.38 8.81 -8.41
N THR A 48 -11.00 8.05 -7.39
CA THR A 48 -11.20 8.49 -6.01
C THR A 48 -10.40 9.76 -5.77
N LEU A 49 -9.15 9.77 -6.21
CA LEU A 49 -8.29 10.94 -6.02
C LEU A 49 -8.85 12.16 -6.78
N ARG A 50 -9.34 11.94 -7.99
CA ARG A 50 -9.88 13.04 -8.77
C ARG A 50 -11.16 13.63 -8.16
N MSE A 51 -11.94 12.80 -7.49
CA MSE A 51 -13.16 13.28 -6.84
C MSE A 51 -12.80 14.13 -5.63
O MSE A 51 -13.45 15.14 -5.35
CB MSE A 51 -14.07 12.11 -6.41
CG MSE A 51 -14.79 11.45 -7.58
SE MSE A 51 -16.13 10.17 -6.99
CE MSE A 51 -14.93 8.72 -6.46
N ILE A 52 -11.75 13.74 -4.91
CA ILE A 52 -11.31 14.50 -3.75
C ILE A 52 -10.76 15.85 -4.22
N ALA A 53 -10.12 15.83 -5.38
CA ALA A 53 -9.54 17.03 -5.96
C ALA A 53 -10.64 17.98 -6.43
N GLY A 54 -11.75 17.41 -6.90
CA GLY A 54 -12.85 18.23 -7.37
C GLY A 54 -12.82 18.31 -8.89
N LEU A 55 -12.01 17.45 -9.51
CA LEU A 55 -11.90 17.39 -10.95
C LEU A 55 -13.05 16.55 -11.50
N GLU A 56 -13.59 15.69 -10.66
CA GLU A 56 -14.70 14.83 -11.04
C GLU A 56 -15.75 14.90 -9.94
N GLU A 57 -17.00 14.80 -10.32
CA GLU A 57 -18.10 14.84 -9.37
C GLU A 57 -18.56 13.42 -9.07
N PRO A 58 -18.86 13.11 -7.81
CA PRO A 58 -19.30 11.76 -7.48
C PRO A 58 -20.67 11.49 -8.12
N THR A 59 -21.03 10.22 -8.25
CA THR A 59 -22.32 9.86 -8.81
C THR A 59 -23.30 9.95 -7.64
N ARG A 60 -22.78 9.69 -6.44
CA ARG A 60 -23.58 9.76 -5.23
C ARG A 60 -22.66 9.74 -4.01
N GLY A 61 -23.12 10.28 -2.89
CA GLY A 61 -22.31 10.30 -1.68
C GLY A 61 -21.82 11.70 -1.33
N GLN A 62 -21.12 11.81 -0.21
CA GLN A 62 -20.61 13.10 0.24
C GLN A 62 -19.10 13.11 0.51
N ILE A 63 -18.49 14.26 0.28
CA ILE A 63 -17.07 14.44 0.53
C ILE A 63 -16.92 15.71 1.34
N TYR A 64 -16.15 15.61 2.41
CA TYR A 64 -15.90 16.73 3.30
C TYR A 64 -14.40 17.01 3.42
N ILE A 65 -14.07 18.27 3.64
CA ILE A 65 -12.69 18.69 3.85
C ILE A 65 -12.81 19.56 5.10
N GLU A 66 -12.28 19.06 6.21
CA GLU A 66 -12.34 19.77 7.49
C GLU A 66 -13.77 20.14 7.86
N ASP A 67 -14.68 19.16 7.74
CA ASP A 67 -16.09 19.36 8.07
C ASP A 67 -16.87 20.30 7.17
N ASN A 68 -16.31 20.64 6.02
CA ASN A 68 -16.98 21.48 5.05
C ASN A 68 -17.35 20.59 3.87
N LEU A 69 -18.62 20.55 3.52
CA LEU A 69 -19.08 19.73 2.40
C LEU A 69 -18.57 20.31 1.09
N VAL A 70 -17.80 19.53 0.34
CA VAL A 70 -17.30 20.02 -0.93
C VAL A 70 -17.92 19.27 -2.09
N ALA A 71 -18.64 18.18 -1.80
CA ALA A 71 -19.29 17.41 -2.85
C ALA A 71 -20.47 16.56 -2.41
N ASP A 72 -21.58 16.72 -3.13
CA ASP A 72 -22.80 15.95 -2.94
C ASP A 72 -23.66 16.29 -4.15
N PRO A 73 -23.62 15.43 -5.18
CA PRO A 73 -24.39 15.65 -6.40
C PRO A 73 -25.90 15.81 -6.21
N GLU A 74 -26.45 15.15 -5.20
CA GLU A 74 -27.89 15.24 -4.95
C GLU A 74 -28.29 16.57 -4.33
N LYS A 75 -27.32 17.28 -3.74
CA LYS A 75 -27.57 18.57 -3.11
C LYS A 75 -27.07 19.73 -3.97
N GLY A 76 -26.58 19.41 -5.16
CA GLY A 76 -26.07 20.46 -6.03
C GLY A 76 -24.81 21.11 -5.47
N VAL A 77 -24.02 20.34 -4.73
CA VAL A 77 -22.78 20.85 -4.15
C VAL A 77 -21.58 20.23 -4.86
N PHE A 78 -20.82 21.06 -5.54
CA PHE A 78 -19.63 20.61 -6.27
C PHE A 78 -18.64 21.77 -6.25
N VAL A 79 -17.95 21.91 -5.11
CA VAL A 79 -16.98 22.97 -4.92
C VAL A 79 -15.76 22.81 -5.83
N PRO A 80 -15.41 23.84 -6.59
CA PRO A 80 -14.25 23.74 -7.48
C PRO A 80 -12.95 23.53 -6.70
N PRO A 81 -11.96 22.86 -7.32
CA PRO A 81 -10.66 22.59 -6.68
C PRO A 81 -10.07 23.75 -5.90
N LYS A 82 -10.03 24.93 -6.53
CA LYS A 82 -9.45 26.09 -5.89
C LYS A 82 -10.11 26.45 -4.56
N GLU A 83 -11.43 26.33 -4.50
CA GLU A 83 -12.15 26.66 -3.27
C GLU A 83 -12.04 25.57 -2.20
N ARG A 84 -11.55 24.39 -2.58
CA ARG A 84 -11.41 23.30 -1.62
C ARG A 84 -10.06 23.40 -0.91
N ASP A 85 -9.14 24.09 -1.56
CA ASP A 85 -7.79 24.28 -1.04
C ASP A 85 -7.03 22.95 -0.96
N VAL A 86 -7.17 22.16 -2.02
CA VAL A 86 -6.48 20.88 -2.15
C VAL A 86 -5.84 20.95 -3.53
N ALA A 87 -4.57 20.60 -3.62
CA ALA A 87 -3.84 20.69 -4.88
C ALA A 87 -3.33 19.37 -5.45
N MSE A 88 -3.65 19.14 -6.72
CA MSE A 88 -3.21 17.96 -7.44
C MSE A 88 -1.83 18.37 -7.94
O MSE A 88 -1.73 19.30 -8.76
CB MSE A 88 -4.14 17.69 -8.62
CG MSE A 88 -3.81 16.43 -9.40
SE MSE A 88 -4.21 14.79 -8.44
CE MSE A 88 -6.05 14.59 -9.00
N VAL A 89 -0.78 17.69 -7.48
CA VAL A 89 0.57 18.04 -7.90
C VAL A 89 1.42 16.89 -8.41
N PHE A 90 2.63 17.24 -8.85
CA PHE A 90 3.60 16.29 -9.36
C PHE A 90 3.11 15.43 -10.51
N GLN A 91 2.32 16.01 -11.41
CA GLN A 91 1.82 15.27 -12.56
C GLN A 91 3.00 14.96 -13.48
N SER A 92 2.79 14.05 -14.42
CA SER A 92 3.85 13.65 -15.33
C SER A 92 4.12 14.64 -16.47
N TYR A 93 4.97 15.63 -16.22
CA TYR A 93 5.33 16.58 -17.26
C TYR A 93 6.76 17.07 -17.02
N ALA A 94 7.52 17.20 -18.10
CA ALA A 94 8.90 17.61 -18.03
C ALA A 94 9.09 19.00 -17.44
N LEU A 95 10.30 19.26 -16.95
CA LEU A 95 10.62 20.56 -16.39
C LEU A 95 10.56 21.55 -17.57
N TYR A 96 10.29 22.81 -17.29
CA TYR A 96 10.23 23.80 -18.36
C TYR A 96 11.67 24.05 -18.82
N PRO A 97 12.02 23.56 -20.01
CA PRO A 97 13.35 23.69 -20.60
C PRO A 97 13.94 25.10 -20.72
N HIS A 98 13.09 26.09 -20.94
CA HIS A 98 13.58 27.46 -21.09
C HIS A 98 13.42 28.31 -19.85
N MSE A 99 13.27 27.65 -18.71
CA MSE A 99 13.14 28.30 -17.42
C MSE A 99 14.25 27.80 -16.52
O MSE A 99 14.67 26.64 -16.64
CB MSE A 99 11.80 27.97 -16.77
CG MSE A 99 10.61 28.78 -17.23
SE MSE A 99 9.11 28.50 -16.03
CE MSE A 99 7.73 28.20 -17.35
N THR A 100 14.73 28.64 -15.62
CA THR A 100 15.77 28.23 -14.69
C THR A 100 15.10 27.37 -13.62
N VAL A 101 15.90 26.77 -12.75
CA VAL A 101 15.37 25.96 -11.67
C VAL A 101 14.51 26.84 -10.79
N TYR A 102 14.99 28.05 -10.52
CA TYR A 102 14.28 29.01 -9.71
C TYR A 102 12.87 29.27 -10.27
N ASP A 103 12.79 29.63 -11.55
CA ASP A 103 11.50 29.92 -12.18
C ASP A 103 10.61 28.69 -12.35
N ASN A 104 11.21 27.52 -12.50
CA ASN A 104 10.46 26.28 -12.64
C ASN A 104 9.68 26.09 -11.35
N ILE A 105 10.33 26.35 -10.23
CA ILE A 105 9.73 26.19 -8.91
C ILE A 105 8.79 27.33 -8.57
N ALA A 106 9.12 28.54 -9.03
CA ALA A 106 8.31 29.71 -8.76
C ALA A 106 7.03 29.78 -9.59
N PHE A 107 7.05 29.19 -10.78
CA PHE A 107 5.91 29.25 -11.69
C PHE A 107 4.52 28.97 -11.09
N PRO A 108 4.37 27.88 -10.32
CA PRO A 108 3.04 27.62 -9.74
C PRO A 108 2.49 28.79 -8.91
N LEU A 109 3.39 29.48 -8.20
CA LEU A 109 2.97 30.62 -7.36
C LEU A 109 2.79 31.88 -8.19
N LYS A 110 3.64 32.07 -9.19
CA LYS A 110 3.55 33.25 -10.04
C LYS A 110 2.19 33.28 -10.72
N LEU A 111 1.72 32.10 -11.14
CA LEU A 111 0.43 31.98 -11.80
C LEU A 111 -0.72 32.17 -10.83
N ARG A 112 -0.43 32.17 -9.54
CA ARG A 112 -1.49 32.32 -8.56
C ARG A 112 -1.48 33.63 -7.79
N LYS A 113 -0.83 34.63 -8.37
CA LYS A 113 -0.79 35.98 -7.79
C LYS A 113 -0.07 36.14 -6.45
N VAL A 114 0.95 35.33 -6.20
CA VAL A 114 1.69 35.45 -4.96
C VAL A 114 2.74 36.55 -5.16
N PRO A 115 2.85 37.47 -4.20
CA PRO A 115 3.82 38.57 -4.28
C PRO A 115 5.24 38.09 -4.56
N LYS A 116 5.94 38.83 -5.42
CA LYS A 116 7.31 38.50 -5.81
C LYS A 116 8.22 38.19 -4.62
N GLN A 117 8.12 38.99 -3.56
CA GLN A 117 8.95 38.78 -2.39
C GLN A 117 8.62 37.47 -1.69
N GLU A 118 7.34 37.21 -1.49
CA GLU A 118 6.91 35.98 -0.85
C GLU A 118 7.38 34.78 -1.67
N ILE A 119 7.24 34.88 -2.98
CA ILE A 119 7.66 33.81 -3.88
C ILE A 119 9.14 33.52 -3.69
N ASP A 120 9.95 34.58 -3.67
CA ASP A 120 11.40 34.43 -3.51
C ASP A 120 11.71 33.72 -2.19
N LYS A 121 11.06 34.16 -1.12
CA LYS A 121 11.27 33.56 0.19
C LYS A 121 10.94 32.07 0.16
N ARG A 122 9.72 31.74 -0.26
CA ARG A 122 9.26 30.36 -0.33
C ARG A 122 10.08 29.49 -1.28
N VAL A 123 10.47 30.04 -2.43
CA VAL A 123 11.23 29.27 -3.39
C VAL A 123 12.60 28.88 -2.82
N ARG A 124 13.25 29.83 -2.14
CA ARG A 124 14.56 29.56 -1.57
C ARG A 124 14.49 28.54 -0.44
N GLU A 125 13.42 28.59 0.35
CA GLU A 125 13.23 27.64 1.45
C GLU A 125 13.11 26.24 0.86
N VAL A 126 12.27 26.10 -0.15
CA VAL A 126 12.07 24.81 -0.80
C VAL A 126 13.36 24.32 -1.45
N ALA A 127 14.10 25.24 -2.06
CA ALA A 127 15.36 24.90 -2.71
C ALA A 127 16.36 24.36 -1.70
N GLU A 128 16.42 24.98 -0.53
CA GLU A 128 17.35 24.54 0.51
C GLU A 128 16.95 23.18 1.06
N MSE A 129 15.66 22.93 1.16
CA MSE A 129 15.16 21.66 1.68
C MSE A 129 15.48 20.52 0.73
O MSE A 129 15.65 19.38 1.15
CB MSE A 129 13.64 21.72 1.87
CG MSE A 129 13.15 22.76 2.86
SE MSE A 129 11.23 22.72 3.03
CE MSE A 129 11.11 21.60 4.61
N LEU A 130 15.57 20.83 -0.56
CA LEU A 130 15.85 19.83 -1.59
C LEU A 130 17.30 19.88 -2.06
N GLY A 131 18.12 20.68 -1.38
CA GLY A 131 19.51 20.80 -1.77
C GLY A 131 19.64 21.23 -3.22
N LEU A 132 19.02 22.35 -3.56
CA LEU A 132 19.05 22.88 -4.92
C LEU A 132 19.50 24.34 -4.95
N THR A 133 19.75 24.91 -3.78
CA THR A 133 20.16 26.31 -3.69
C THR A 133 21.23 26.72 -4.70
N GLU A 134 22.25 25.88 -4.90
CA GLU A 134 23.32 26.21 -5.84
C GLU A 134 23.01 25.87 -7.29
N LEU A 135 21.77 25.48 -7.57
CA LEU A 135 21.38 25.15 -8.93
C LEU A 135 20.26 26.07 -9.42
N LEU A 136 19.90 27.02 -8.56
CA LEU A 136 18.82 27.97 -8.85
C LEU A 136 18.86 28.67 -10.20
N ASN A 137 20.04 29.02 -10.69
CA ASN A 137 20.14 29.71 -11.97
C ASN A 137 20.47 28.81 -13.16
N ARG A 138 20.46 27.51 -12.93
CA ARG A 138 20.75 26.55 -14.01
C ARG A 138 19.50 26.22 -14.79
N LYS A 139 19.68 25.78 -16.03
CA LYS A 139 18.58 25.37 -16.88
C LYS A 139 18.48 23.85 -16.77
N PRO A 140 17.28 23.29 -16.95
CA PRO A 140 17.06 21.84 -16.87
C PRO A 140 18.12 20.98 -17.56
N ARG A 141 18.56 21.39 -18.74
CA ARG A 141 19.56 20.62 -19.48
C ARG A 141 20.95 20.62 -18.83
N GLU A 142 21.13 21.44 -17.81
CA GLU A 142 22.41 21.51 -17.11
C GLU A 142 22.42 20.64 -15.86
N LEU A 143 21.32 19.95 -15.60
CA LEU A 143 21.20 19.10 -14.41
C LEU A 143 21.26 17.61 -14.68
N SER A 144 21.54 16.84 -13.64
CA SER A 144 21.60 15.39 -13.72
C SER A 144 20.19 14.86 -13.51
N GLY A 145 19.96 13.62 -13.91
CA GLY A 145 18.65 13.01 -13.75
C GLY A 145 18.10 13.15 -12.34
N GLY A 146 18.98 12.97 -11.36
CA GLY A 146 18.56 13.07 -9.96
C GLY A 146 18.15 14.48 -9.56
N GLN A 147 18.92 15.47 -10.03
CA GLN A 147 18.64 16.86 -9.70
C GLN A 147 17.32 17.30 -10.33
N ARG A 148 17.09 16.87 -11.57
CA ARG A 148 15.86 17.23 -12.27
C ARG A 148 14.64 16.75 -11.49
N GLN A 149 14.71 15.54 -10.95
CA GLN A 149 13.61 14.99 -10.17
C GLN A 149 13.34 15.81 -8.92
N ARG A 150 14.40 16.35 -8.33
CA ARG A 150 14.26 17.17 -7.13
C ARG A 150 13.65 18.53 -7.46
N VAL A 151 13.94 19.04 -8.66
CA VAL A 151 13.38 20.32 -9.08
C VAL A 151 11.89 20.10 -9.29
N ALA A 152 11.54 18.97 -9.91
CA ALA A 152 10.15 18.63 -10.17
C ALA A 152 9.39 18.50 -8.86
N LEU A 153 10.07 18.00 -7.83
CA LEU A 153 9.47 17.83 -6.52
C LEU A 153 9.27 19.21 -5.91
N GLY A 154 10.26 20.08 -6.09
CA GLY A 154 10.15 21.43 -5.57
C GLY A 154 8.99 22.15 -6.23
N ARG A 155 8.86 21.96 -7.54
CA ARG A 155 7.78 22.57 -8.30
C ARG A 155 6.43 22.05 -7.82
N ALA A 156 6.42 20.83 -7.29
CA ALA A 156 5.19 20.21 -6.81
C ALA A 156 4.76 20.62 -5.41
N ILE A 157 5.72 20.83 -4.50
CA ILE A 157 5.36 21.20 -3.13
C ILE A 157 5.60 22.65 -2.73
N ILE A 158 5.71 23.54 -3.72
CA ILE A 158 5.91 24.95 -3.43
C ILE A 158 4.59 25.55 -2.94
N ARG A 159 3.47 24.97 -3.35
CA ARG A 159 2.16 25.44 -2.95
C ARG A 159 1.85 25.02 -1.51
N ARG A 160 0.93 25.74 -0.86
CA ARG A 160 0.57 25.43 0.52
C ARG A 160 -0.93 25.16 0.66
N PRO A 161 -1.39 24.02 0.14
CA PRO A 161 -2.81 23.65 0.22
C PRO A 161 -3.10 22.96 1.54
N LYS A 162 -4.36 22.61 1.76
CA LYS A 162 -4.71 21.89 2.98
C LYS A 162 -4.37 20.43 2.72
N VAL A 163 -4.39 20.04 1.45
CA VAL A 163 -4.11 18.66 1.07
C VAL A 163 -3.39 18.52 -0.27
N PHE A 164 -2.32 17.74 -0.29
CA PHE A 164 -1.56 17.47 -1.52
C PHE A 164 -2.13 16.18 -2.08
N LEU A 165 -2.34 16.14 -3.40
CA LEU A 165 -2.87 14.96 -4.05
C LEU A 165 -1.89 14.59 -5.15
N MSE A 166 -1.44 13.33 -5.14
CA MSE A 166 -0.48 12.85 -6.14
C MSE A 166 -0.88 11.49 -6.68
O MSE A 166 -1.34 10.63 -5.93
CB MSE A 166 0.92 12.76 -5.52
CG MSE A 166 1.45 14.09 -5.00
SE MSE A 166 3.18 13.87 -4.16
CE MSE A 166 2.96 15.05 -2.66
N ASP A 167 -0.69 11.30 -7.98
CA ASP A 167 -1.03 10.04 -8.63
C ASP A 167 0.21 9.44 -9.31
N GLU A 168 0.78 8.40 -8.71
CA GLU A 168 1.95 7.73 -9.24
C GLU A 168 2.97 8.70 -9.83
N PRO A 169 3.42 9.68 -9.04
CA PRO A 169 4.38 10.69 -9.50
C PRO A 169 5.79 10.17 -9.86
N LEU A 170 6.13 8.96 -9.42
CA LEU A 170 7.45 8.40 -9.70
C LEU A 170 7.37 7.30 -10.74
N SER A 171 6.26 7.27 -11.48
CA SER A 171 6.04 6.26 -12.52
C SER A 171 7.20 6.18 -13.50
N ASN A 172 7.55 4.95 -13.88
CA ASN A 172 8.63 4.69 -14.83
C ASN A 172 9.96 5.36 -14.51
N LEU A 173 10.16 5.72 -13.25
CA LEU A 173 11.40 6.37 -12.86
C LEU A 173 12.52 5.35 -12.67
N ASP A 174 13.76 5.78 -12.90
CA ASP A 174 14.92 4.92 -12.74
C ASP A 174 14.89 4.29 -11.34
N ALA A 175 14.94 2.97 -11.29
CA ALA A 175 14.89 2.23 -10.02
C ALA A 175 15.66 2.85 -8.86
N LYS A 176 16.96 3.06 -9.06
CA LYS A 176 17.80 3.64 -8.02
C LYS A 176 17.31 5.04 -7.64
N LEU A 177 16.93 5.81 -8.64
CA LEU A 177 16.45 7.17 -8.41
C LEU A 177 15.09 7.15 -7.71
N ARG A 178 14.25 6.19 -8.07
CA ARG A 178 12.93 6.08 -7.47
C ARG A 178 13.05 5.82 -5.96
N VAL A 179 14.02 4.99 -5.58
CA VAL A 179 14.24 4.68 -4.17
C VAL A 179 14.62 5.95 -3.40
N LYS A 180 15.48 6.77 -3.98
CA LYS A 180 15.88 8.00 -3.31
C LYS A 180 14.73 9.01 -3.24
N MSE A 181 13.92 9.07 -4.30
CA MSE A 181 12.79 9.99 -4.35
C MSE A 181 11.69 9.63 -3.35
O MSE A 181 11.06 10.51 -2.77
CB MSE A 181 12.22 10.06 -5.77
CG MSE A 181 13.05 10.90 -6.73
SE MSE A 181 13.33 12.70 -6.06
CE MSE A 181 11.48 13.29 -6.11
N ARG A 182 11.45 8.33 -3.17
CA ARG A 182 10.44 7.89 -2.21
C ARG A 182 10.80 8.45 -0.84
N ALA A 183 12.08 8.33 -0.49
CA ALA A 183 12.56 8.83 0.79
C ALA A 183 12.54 10.36 0.82
N GLU A 184 12.97 10.97 -0.27
CA GLU A 184 13.00 12.41 -0.38
C GLU A 184 11.59 13.02 -0.24
N LEU A 185 10.64 12.44 -0.97
CA LEU A 185 9.27 12.94 -0.94
C LEU A 185 8.64 12.79 0.45
N LYS A 186 8.81 11.63 1.08
CA LYS A 186 8.23 11.42 2.41
C LYS A 186 8.90 12.33 3.46
N LYS A 187 10.20 12.56 3.30
CA LYS A 187 10.91 13.43 4.23
C LYS A 187 10.29 14.83 4.20
N LEU A 188 10.07 15.36 2.99
CA LEU A 188 9.47 16.68 2.85
C LEU A 188 8.06 16.75 3.38
N GLN A 189 7.25 15.73 3.08
CA GLN A 189 5.87 15.69 3.55
C GLN A 189 5.84 15.79 5.06
N ARG A 190 6.76 15.07 5.71
CA ARG A 190 6.84 15.07 7.15
C ARG A 190 7.30 16.46 7.62
N GLN A 191 8.26 17.03 6.90
CA GLN A 191 8.77 18.36 7.22
C GLN A 191 7.67 19.43 7.14
N LEU A 192 6.87 19.36 6.08
CA LEU A 192 5.79 20.32 5.85
C LEU A 192 4.56 20.07 6.72
N GLY A 193 4.30 18.81 7.04
CA GLY A 193 3.15 18.48 7.87
C GLY A 193 1.82 18.58 7.14
N VAL A 194 1.88 18.64 5.81
CA VAL A 194 0.66 18.73 5.00
C VAL A 194 0.08 17.37 4.65
N THR A 195 -1.21 17.20 4.90
CA THR A 195 -1.91 15.96 4.60
C THR A 195 -1.67 15.61 3.13
N THR A 196 -1.31 14.36 2.86
CA THR A 196 -1.04 13.94 1.50
C THR A 196 -1.74 12.62 1.15
N ILE A 197 -2.40 12.60 0.00
CA ILE A 197 -3.09 11.40 -0.47
C ILE A 197 -2.36 11.03 -1.74
N TYR A 198 -1.74 9.85 -1.70
CA TYR A 198 -0.88 9.36 -2.77
C TYR A 198 -1.35 8.07 -3.41
N VAL A 199 -1.56 8.10 -4.72
CA VAL A 199 -2.02 6.92 -5.45
C VAL A 199 -0.84 6.18 -6.09
N THR A 200 -0.82 4.86 -5.94
CA THR A 200 0.23 4.04 -6.53
C THR A 200 -0.24 2.58 -6.59
N HIS A 201 0.33 1.81 -7.52
CA HIS A 201 -0.03 0.40 -7.60
C HIS A 201 1.17 -0.45 -7.17
N ASP A 202 2.24 0.24 -6.79
CA ASP A 202 3.48 -0.39 -6.34
C ASP A 202 3.45 -0.64 -4.82
N GLN A 203 3.30 -1.90 -4.42
CA GLN A 203 3.24 -2.29 -3.02
C GLN A 203 4.42 -1.78 -2.19
N VAL A 204 5.63 -1.94 -2.72
CA VAL A 204 6.83 -1.50 -2.01
C VAL A 204 6.83 0.00 -1.77
N GLU A 205 6.42 0.77 -2.78
CA GLU A 205 6.38 2.22 -2.63
C GLU A 205 5.35 2.58 -1.56
N ALA A 206 4.21 1.88 -1.56
CA ALA A 206 3.16 2.16 -0.58
C ALA A 206 3.66 1.86 0.83
N MSE A 207 4.19 0.65 1.02
CA MSE A 207 4.71 0.20 2.30
C MSE A 207 5.84 1.08 2.81
O MSE A 207 6.00 1.27 4.02
CB MSE A 207 5.24 -1.22 2.16
CG MSE A 207 4.20 -2.20 1.68
SE MSE A 207 3.23 -2.85 3.20
CE MSE A 207 4.42 -4.32 3.57
N THR A 208 6.63 1.60 1.90
CA THR A 208 7.76 2.43 2.24
C THR A 208 7.41 3.86 2.68
N MSE A 209 6.47 4.47 1.98
CA MSE A 209 6.09 5.87 2.25
C MSE A 209 4.89 6.14 3.13
O MSE A 209 4.86 7.12 3.88
CB MSE A 209 5.86 6.59 0.92
CG MSE A 209 7.00 6.52 -0.08
SE MSE A 209 6.51 7.39 -1.77
CE MSE A 209 6.94 9.17 -1.26
N GLY A 210 3.87 5.28 3.04
CA GLY A 210 2.65 5.52 3.78
C GLY A 210 2.59 5.40 5.29
N ASP A 211 1.94 6.38 5.91
CA ASP A 211 1.74 6.32 7.35
C ASP A 211 0.63 5.28 7.47
N ARG A 212 -0.25 5.27 6.48
CA ARG A 212 -1.33 4.33 6.37
C ARG A 212 -1.57 4.03 4.91
N ILE A 213 -2.11 2.85 4.62
CA ILE A 213 -2.39 2.45 3.27
C ILE A 213 -3.84 2.03 3.16
N ALA A 214 -4.52 2.53 2.15
CA ALA A 214 -5.91 2.19 1.90
C ALA A 214 -5.85 1.28 0.69
N VAL A 215 -6.10 0.00 0.91
CA VAL A 215 -6.06 -0.98 -0.17
C VAL A 215 -7.43 -1.07 -0.83
N MSE A 216 -7.44 -0.94 -2.15
CA MSE A 216 -8.69 -0.99 -2.91
C MSE A 216 -8.63 -2.07 -3.97
O MSE A 216 -7.56 -2.39 -4.49
CB MSE A 216 -8.96 0.36 -3.59
CG MSE A 216 -9.37 1.49 -2.65
SE MSE A 216 -9.69 3.18 -3.60
CE MSE A 216 -11.27 2.66 -4.59
N ASN A 217 -9.79 -2.62 -4.30
CA ASN A 217 -9.90 -3.63 -5.34
C ASN A 217 -11.29 -3.54 -5.95
N LYS A 218 -11.34 -3.49 -7.27
CA LYS A 218 -12.62 -3.40 -7.99
C LYS A 218 -13.53 -2.30 -7.46
N GLY A 219 -12.95 -1.13 -7.19
CA GLY A 219 -13.75 0.00 -6.71
C GLY A 219 -14.18 -0.03 -5.25
N GLU A 220 -13.73 -1.02 -4.50
CA GLU A 220 -14.11 -1.10 -3.09
C GLU A 220 -12.93 -1.08 -2.13
N LEU A 221 -13.09 -0.37 -1.03
CA LEU A 221 -12.05 -0.30 -0.01
C LEU A 221 -11.98 -1.65 0.69
N GLN A 222 -10.78 -2.24 0.74
CA GLN A 222 -10.60 -3.54 1.38
C GLN A 222 -10.18 -3.36 2.83
N GLN A 223 -9.22 -2.47 3.04
CA GLN A 223 -8.71 -2.24 4.38
C GLN A 223 -7.89 -0.96 4.41
N VAL A 224 -7.86 -0.32 5.56
CA VAL A 224 -7.04 0.86 5.72
C VAL A 224 -6.26 0.62 7.00
N GLY A 225 -4.94 0.80 6.94
CA GLY A 225 -4.12 0.59 8.13
C GLY A 225 -2.66 0.90 7.86
N THR A 226 -1.82 0.75 8.87
CA THR A 226 -0.40 1.02 8.71
C THR A 226 0.20 -0.10 7.86
N PRO A 227 1.41 0.11 7.34
CA PRO A 227 2.03 -0.95 6.52
C PRO A 227 2.06 -2.28 7.30
N ASP A 228 2.37 -2.22 8.58
CA ASP A 228 2.42 -3.43 9.40
C ASP A 228 1.05 -4.08 9.51
N GLU A 229 0.01 -3.27 9.68
CA GLU A 229 -1.33 -3.82 9.81
C GLU A 229 -1.80 -4.52 8.54
N VAL A 230 -1.57 -3.91 7.38
CA VAL A 230 -2.00 -4.55 6.15
C VAL A 230 -1.14 -5.77 5.82
N TYR A 231 0.10 -5.77 6.29
CA TYR A 231 1.01 -6.89 6.02
C TYR A 231 0.77 -8.05 7.01
N TYR A 232 0.74 -7.73 8.30
CA TYR A 232 0.55 -8.75 9.34
C TYR A 232 -0.88 -9.09 9.69
N LYS A 233 -1.80 -8.15 9.47
CA LYS A 233 -3.20 -8.39 9.82
C LYS A 233 -4.18 -8.10 8.68
N PRO A 234 -4.05 -8.82 7.56
CA PRO A 234 -4.96 -8.60 6.43
C PRO A 234 -6.37 -9.01 6.84
N VAL A 235 -7.36 -8.17 6.52
CA VAL A 235 -8.75 -8.44 6.87
C VAL A 235 -9.43 -9.50 6.01
N ASN A 236 -8.88 -9.78 4.83
CA ASN A 236 -9.47 -10.79 3.96
C ASN A 236 -8.41 -11.40 3.07
N THR A 237 -8.80 -12.40 2.28
CA THR A 237 -7.84 -13.08 1.42
C THR A 237 -7.27 -12.20 0.30
N PHE A 238 -8.01 -11.18 -0.14
CA PHE A 238 -7.46 -10.34 -1.20
C PHE A 238 -6.25 -9.57 -0.68
N VAL A 239 -6.39 -8.92 0.47
CA VAL A 239 -5.28 -8.16 1.02
C VAL A 239 -4.12 -9.10 1.37
N ALA A 240 -4.46 -10.27 1.93
CA ALA A 240 -3.45 -11.25 2.30
C ALA A 240 -2.63 -11.70 1.10
N GLY A 241 -3.30 -11.90 -0.03
CA GLY A 241 -2.60 -12.35 -1.23
C GLY A 241 -2.05 -11.24 -2.12
N PHE A 242 -2.45 -10.00 -1.85
CA PHE A 242 -2.01 -8.87 -2.67
C PHE A 242 -0.70 -8.26 -2.16
N ILE A 243 -0.53 -8.27 -0.84
CA ILE A 243 0.66 -7.70 -0.23
C ILE A 243 1.65 -8.76 0.21
N GLY A 244 2.92 -8.60 -0.17
CA GLY A 244 3.95 -9.54 0.18
C GLY A 244 4.29 -10.47 -0.97
N SER A 245 5.56 -10.79 -1.13
CA SER A 245 6.02 -11.67 -2.18
C SER A 245 7.16 -12.55 -1.66
N PRO A 246 7.15 -13.85 -2.01
CA PRO A 246 6.15 -14.51 -2.84
C PRO A 246 4.78 -14.47 -2.16
N PRO A 247 3.71 -14.78 -2.90
CA PRO A 247 2.35 -14.75 -2.35
C PRO A 247 2.15 -15.68 -1.16
N MSE A 248 1.29 -15.26 -0.23
CA MSE A 248 0.98 -16.06 0.94
C MSE A 248 0.38 -17.38 0.47
O MSE A 248 -0.29 -17.43 -0.57
CB MSE A 248 -0.04 -15.34 1.82
CG MSE A 248 -0.24 -15.98 3.20
SE MSE A 248 -1.69 -15.20 4.19
CE MSE A 248 -0.88 -13.49 4.64
N ASN A 249 0.63 -18.46 1.21
CA ASN A 249 0.06 -19.76 0.87
C ASN A 249 -1.36 -19.83 1.40
N PHE A 250 -2.27 -20.41 0.64
CA PHE A 250 -3.65 -20.58 1.06
C PHE A 250 -3.96 -22.07 0.93
N LEU A 251 -4.43 -22.69 2.01
CA LEU A 251 -4.75 -24.10 1.99
C LEU A 251 -6.07 -24.37 2.70
N ASP A 252 -6.80 -25.37 2.25
CA ASP A 252 -8.07 -25.72 2.88
C ASP A 252 -7.77 -26.59 4.08
N ALA A 253 -8.47 -26.34 5.18
CA ALA A 253 -8.26 -27.13 6.39
C ALA A 253 -9.53 -27.22 7.20
N THR A 254 -9.65 -28.29 7.97
CA THR A 254 -10.81 -28.48 8.82
C THR A 254 -10.33 -28.38 10.26
N ILE A 255 -11.09 -27.66 11.09
CA ILE A 255 -10.73 -27.51 12.50
C ILE A 255 -11.24 -28.73 13.27
N THR A 256 -10.33 -29.41 13.95
CA THR A 256 -10.69 -30.60 14.73
C THR A 256 -11.10 -30.21 16.15
N ASP A 257 -11.95 -31.02 16.78
CA ASP A 257 -12.37 -30.72 18.15
C ASP A 257 -11.17 -30.94 19.05
N ASP A 258 -10.11 -31.46 18.45
CA ASP A 258 -8.87 -31.78 19.11
C ASP A 258 -7.87 -30.61 19.16
N GLY A 259 -8.20 -29.51 18.50
CA GLY A 259 -7.32 -28.35 18.49
C GLY A 259 -6.31 -28.34 17.35
N PHE A 260 -6.58 -29.14 16.31
CA PHE A 260 -5.70 -29.22 15.16
C PHE A 260 -6.37 -28.70 13.89
N LEU A 261 -5.55 -28.42 12.89
CA LEU A 261 -6.03 -28.01 11.58
C LEU A 261 -5.71 -29.26 10.75
N ASP A 262 -6.72 -29.86 10.14
CA ASP A 262 -6.52 -31.06 9.33
C ASP A 262 -6.55 -30.70 7.86
N PHE A 263 -5.41 -30.87 7.19
CA PHE A 263 -5.27 -30.57 5.78
C PHE A 263 -5.47 -31.82 4.91
N GLY A 264 -5.71 -32.96 5.57
CA GLY A 264 -5.90 -34.20 4.85
C GLY A 264 -4.59 -34.97 4.81
N GLU A 265 -3.60 -34.44 4.10
CA GLU A 265 -2.29 -35.08 4.01
C GLU A 265 -1.53 -34.98 5.33
N PHE A 266 -1.85 -33.96 6.12
CA PHE A 266 -1.21 -33.77 7.41
C PHE A 266 -2.05 -32.89 8.33
N LYS A 267 -1.53 -32.65 9.53
CA LYS A 267 -2.24 -31.83 10.50
C LYS A 267 -1.25 -30.92 11.22
N LEU A 268 -1.72 -29.74 11.59
CA LEU A 268 -0.88 -28.80 12.33
C LEU A 268 -1.62 -28.45 13.61
N LYS A 269 -0.89 -28.38 14.70
CA LYS A 269 -1.46 -28.05 16.00
C LYS A 269 -1.59 -26.53 16.17
N LEU A 270 -2.81 -26.07 16.42
CA LEU A 270 -3.05 -24.66 16.63
C LEU A 270 -2.53 -24.25 18.00
N LEU A 271 -2.16 -22.98 18.14
CA LEU A 271 -1.72 -22.51 19.45
C LEU A 271 -3.03 -22.42 20.24
N GLN A 272 -2.98 -22.68 21.53
CA GLN A 272 -4.18 -22.65 22.36
C GLN A 272 -5.10 -21.45 22.15
N ASP A 273 -4.54 -20.25 22.14
CA ASP A 273 -5.37 -19.06 21.97
C ASP A 273 -6.05 -18.95 20.61
N GLN A 274 -5.43 -19.52 19.57
CA GLN A 274 -6.01 -19.51 18.24
C GLN A 274 -7.21 -20.46 18.25
N PHE A 275 -7.03 -21.63 18.87
CA PHE A 275 -8.11 -22.59 18.94
C PHE A 275 -9.26 -21.99 19.76
N GLU A 276 -8.90 -21.28 20.82
CA GLU A 276 -9.87 -20.62 21.68
C GLU A 276 -10.74 -19.66 20.88
N VAL A 277 -10.10 -18.85 20.04
CA VAL A 277 -10.83 -17.91 19.21
C VAL A 277 -11.81 -18.64 18.29
N LEU A 278 -11.35 -19.74 17.70
CA LEU A 278 -12.18 -20.53 16.80
C LEU A 278 -13.37 -21.18 17.53
N GLU A 279 -13.15 -21.63 18.77
CA GLU A 279 -14.24 -22.26 19.53
C GLU A 279 -15.30 -21.21 19.87
N GLU A 280 -14.85 -20.01 20.21
CA GLU A 280 -15.77 -18.93 20.58
C GLU A 280 -16.64 -18.50 19.40
N GLU A 281 -16.19 -18.80 18.19
CA GLU A 281 -16.97 -18.46 17.01
C GLU A 281 -17.61 -19.70 16.41
N ASN A 282 -17.63 -20.77 17.21
CA ASN A 282 -18.23 -22.02 16.79
C ASN A 282 -17.74 -22.53 15.44
N MSE A 283 -16.42 -22.54 15.24
CA MSE A 283 -15.84 -22.99 13.99
C MSE A 283 -15.35 -24.45 14.03
O MSE A 283 -14.95 -25.00 13.02
CB MSE A 283 -14.67 -22.10 13.59
CG MSE A 283 -15.03 -20.64 13.36
SE MSE A 283 -16.31 -20.41 11.92
CE MSE A 283 -15.19 -20.97 10.46
N VAL A 284 -15.39 -25.06 15.22
CA VAL A 284 -14.94 -26.44 15.35
C VAL A 284 -15.67 -27.37 14.39
N GLY A 285 -14.92 -28.15 13.63
CA GLY A 285 -15.53 -29.08 12.70
C GLY A 285 -15.77 -28.48 11.33
N LYS A 286 -15.50 -27.18 11.19
CA LYS A 286 -15.72 -26.50 9.92
C LYS A 286 -14.47 -26.36 9.06
N GLU A 287 -14.68 -26.27 7.75
CA GLU A 287 -13.58 -26.10 6.83
C GLU A 287 -13.32 -24.61 6.69
N VAL A 288 -12.05 -24.23 6.74
CA VAL A 288 -11.67 -22.83 6.62
C VAL A 288 -10.49 -22.74 5.68
N ILE A 289 -10.03 -21.52 5.44
CA ILE A 289 -8.89 -21.28 4.59
C ILE A 289 -7.73 -20.91 5.51
N PHE A 290 -6.64 -21.67 5.40
CA PHE A 290 -5.45 -21.45 6.21
C PHE A 290 -4.44 -20.67 5.38
N GLY A 291 -3.83 -19.67 6.00
CA GLY A 291 -2.85 -18.88 5.31
C GLY A 291 -1.55 -18.74 6.07
N ILE A 292 -0.43 -18.82 5.36
CA ILE A 292 0.88 -18.64 5.98
C ILE A 292 1.85 -18.16 4.91
N ARG A 293 2.63 -17.15 5.25
CA ARG A 293 3.59 -16.63 4.28
C ARG A 293 4.77 -17.59 4.15
N PRO A 294 5.33 -17.70 2.95
CA PRO A 294 6.49 -18.57 2.72
C PRO A 294 7.62 -18.31 3.71
N GLU A 295 7.78 -17.06 4.11
CA GLU A 295 8.85 -16.72 5.04
C GLU A 295 8.63 -17.35 6.42
N ASP A 296 7.42 -17.84 6.67
CA ASP A 296 7.12 -18.46 7.96
C ASP A 296 7.07 -19.98 7.89
N VAL A 297 7.49 -20.53 6.75
CA VAL A 297 7.58 -21.97 6.57
C VAL A 297 9.10 -22.16 6.47
N HIS A 298 9.66 -22.84 7.46
CA HIS A 298 11.10 -23.04 7.54
C HIS A 298 11.64 -24.43 7.26
N ASP A 299 12.88 -24.45 6.78
CA ASP A 299 13.61 -25.69 6.53
C ASP A 299 13.89 -26.20 7.95
N ALA A 300 13.47 -27.43 8.25
CA ALA A 300 13.68 -27.99 9.58
C ALA A 300 15.13 -27.89 10.07
N SER A 301 16.08 -27.94 9.14
CA SER A 301 17.49 -27.86 9.49
C SER A 301 17.94 -26.45 9.89
N PHE A 302 17.10 -25.45 9.65
CA PHE A 302 17.48 -24.08 9.98
C PHE A 302 16.45 -23.38 10.86
N THR A 303 16.07 -24.04 11.95
CA THR A 303 15.10 -23.46 12.89
C THR A 303 15.09 -24.27 14.18
N HIS A 304 14.70 -23.63 15.27
CA HIS A 304 14.63 -24.32 16.56
C HIS A 304 13.27 -24.08 17.23
N ILE A 305 12.24 -23.88 16.42
CA ILE A 305 10.90 -23.68 16.94
C ILE A 305 10.05 -24.90 16.59
N ASP A 306 10.73 -25.93 16.11
CA ASP A 306 10.08 -27.17 15.70
C ASP A 306 9.50 -27.96 16.87
N VAL A 307 8.28 -28.43 16.70
CA VAL A 307 7.60 -29.25 17.70
C VAL A 307 7.07 -30.46 16.97
N PRO A 308 7.83 -31.58 17.01
CA PRO A 308 7.45 -32.82 16.34
C PRO A 308 5.97 -33.17 16.47
N GLU A 309 5.36 -33.52 15.35
CA GLU A 309 3.94 -33.91 15.32
C GLU A 309 2.97 -32.77 15.58
N GLU A 310 3.46 -31.54 15.61
CA GLU A 310 2.59 -30.41 15.85
C GLU A 310 2.73 -29.26 14.86
N ASN A 311 3.94 -29.04 14.33
CA ASN A 311 4.13 -27.97 13.36
C ASN A 311 5.17 -28.34 12.32
N THR A 312 5.45 -29.63 12.21
CA THR A 312 6.43 -30.13 11.25
C THR A 312 5.76 -31.01 10.20
N VAL A 313 6.20 -30.90 8.97
CA VAL A 313 5.61 -31.67 7.88
C VAL A 313 6.69 -32.11 6.88
N LYS A 314 6.57 -33.33 6.40
CA LYS A 314 7.52 -33.83 5.41
C LYS A 314 6.88 -33.62 4.05
N ALA A 315 7.65 -33.07 3.12
CA ALA A 315 7.13 -32.81 1.79
C ALA A 315 8.23 -32.98 0.75
N THR A 316 7.83 -33.02 -0.51
CA THR A 316 8.78 -33.17 -1.60
C THR A 316 9.00 -31.87 -2.34
N VAL A 317 10.26 -31.60 -2.66
CA VAL A 317 10.65 -30.39 -3.37
C VAL A 317 10.36 -30.50 -4.86
N ASP A 318 9.50 -29.61 -5.38
CA ASP A 318 9.19 -29.61 -6.80
C ASP A 318 9.92 -28.52 -7.58
N ILE A 319 10.15 -27.39 -6.92
CA ILE A 319 10.83 -26.27 -7.58
C ILE A 319 11.71 -25.49 -6.62
N ILE A 320 12.88 -25.10 -7.11
CA ILE A 320 13.81 -24.31 -6.32
C ILE A 320 14.21 -23.07 -7.09
N GLU A 321 13.84 -21.91 -6.57
CA GLU A 321 14.21 -20.66 -7.21
C GLU A 321 15.42 -20.15 -6.47
N ASN A 322 16.52 -19.94 -7.20
CA ASN A 322 17.74 -19.44 -6.59
C ASN A 322 17.78 -17.94 -6.82
N LEU A 323 17.40 -17.17 -5.79
CA LEU A 323 17.40 -15.72 -5.90
C LEU A 323 18.72 -15.13 -5.43
N GLY A 324 19.69 -15.99 -5.16
CA GLY A 324 20.99 -15.50 -4.72
C GLY A 324 21.08 -15.34 -3.21
N GLY A 325 20.34 -14.38 -2.66
CA GLY A 325 20.36 -14.17 -1.23
C GLY A 325 19.48 -15.14 -0.45
N GLU A 326 18.70 -15.93 -1.19
CA GLU A 326 17.79 -16.90 -0.58
C GLU A 326 17.23 -17.83 -1.65
N LYS A 327 16.58 -18.91 -1.21
CA LYS A 327 15.98 -19.86 -2.11
C LYS A 327 14.49 -19.95 -1.84
N ILE A 328 13.68 -19.91 -2.90
CA ILE A 328 12.24 -20.04 -2.76
C ILE A 328 11.96 -21.48 -3.15
N VAL A 329 11.43 -22.23 -2.19
CA VAL A 329 11.19 -23.65 -2.40
C VAL A 329 9.71 -24.01 -2.46
N HIS A 330 9.31 -24.57 -3.60
CA HIS A 330 7.93 -24.99 -3.80
C HIS A 330 7.86 -26.46 -3.45
N LEU A 331 7.06 -26.77 -2.43
CA LEU A 331 6.94 -28.12 -1.93
C LEU A 331 5.59 -28.75 -2.24
N ARG A 332 5.55 -30.08 -2.17
CA ARG A 332 4.32 -30.81 -2.44
C ARG A 332 4.22 -32.03 -1.52
N ARG A 333 3.03 -32.24 -1.00
CA ARG A 333 2.74 -33.37 -0.12
C ARG A 333 1.38 -33.88 -0.58
N GLY A 334 1.38 -34.92 -1.39
CA GLY A 334 0.13 -35.44 -1.91
C GLY A 334 -0.39 -34.42 -2.89
N ASN A 335 -1.65 -34.02 -2.73
CA ASN A 335 -2.24 -33.03 -3.63
C ASN A 335 -2.19 -31.62 -3.03
N ILE A 336 -1.37 -31.45 -2.00
CA ILE A 336 -1.22 -30.16 -1.34
C ILE A 336 0.09 -29.49 -1.78
N SER A 337 0.01 -28.20 -2.11
CA SER A 337 1.20 -27.45 -2.53
C SER A 337 1.36 -26.17 -1.73
N PHE A 338 2.59 -25.90 -1.30
CA PHE A 338 2.86 -24.67 -0.56
C PHE A 338 4.31 -24.29 -0.79
N THR A 339 4.60 -23.01 -0.61
CA THR A 339 5.94 -22.48 -0.81
C THR A 339 6.59 -22.03 0.49
N ALA A 340 7.90 -22.23 0.58
CA ALA A 340 8.67 -21.86 1.76
C ALA A 340 9.92 -21.12 1.33
N LYS A 341 10.54 -20.40 2.27
CA LYS A 341 11.79 -19.71 1.99
C LYS A 341 12.88 -20.46 2.73
N PHE A 342 13.91 -20.89 2.00
CA PHE A 342 15.04 -21.60 2.59
C PHE A 342 16.27 -20.71 2.53
N PRO A 343 17.16 -20.82 3.52
CA PRO A 343 18.37 -19.99 3.47
C PRO A 343 19.20 -20.37 2.26
N LYS A 344 20.04 -19.45 1.80
CA LYS A 344 20.88 -19.71 0.63
C LYS A 344 21.88 -20.86 0.85
N GLU A 345 22.27 -21.09 2.10
CA GLU A 345 23.21 -22.16 2.40
C GLU A 345 22.59 -23.56 2.44
N SER A 346 21.29 -23.64 2.17
CA SER A 346 20.62 -24.93 2.17
C SER A 346 21.08 -25.74 0.96
N LYS A 347 21.30 -27.03 1.14
CA LYS A 347 21.76 -27.88 0.06
C LYS A 347 20.62 -28.67 -0.57
N VAL A 348 19.39 -28.23 -0.34
CA VAL A 348 18.22 -28.90 -0.88
C VAL A 348 18.29 -29.00 -2.40
N ARG A 349 17.81 -30.11 -2.94
CA ARG A 349 17.78 -30.32 -4.38
C ARG A 349 16.38 -30.75 -4.78
N GLU A 350 15.98 -30.42 -6.00
CA GLU A 350 14.65 -30.80 -6.45
C GLU A 350 14.49 -32.30 -6.38
N GLY A 351 13.34 -32.76 -5.91
CA GLY A 351 13.11 -34.19 -5.78
C GLY A 351 13.31 -34.64 -4.34
N ASP A 352 14.07 -33.88 -3.57
CA ASP A 352 14.33 -34.21 -2.17
C ASP A 352 13.07 -34.21 -1.32
N GLU A 353 13.04 -35.07 -0.33
CA GLU A 353 11.92 -35.12 0.60
C GLU A 353 12.54 -34.45 1.82
N VAL A 354 11.95 -33.35 2.26
CA VAL A 354 12.49 -32.61 3.39
C VAL A 354 11.43 -32.34 4.45
N SER A 355 11.89 -31.92 5.62
CA SER A 355 10.99 -31.58 6.71
C SER A 355 10.96 -30.07 6.86
N VAL A 356 9.77 -29.51 6.94
CA VAL A 356 9.63 -28.06 7.10
C VAL A 356 8.84 -27.81 8.37
N VAL A 357 8.96 -26.60 8.90
CA VAL A 357 8.27 -26.22 10.12
C VAL A 357 7.42 -24.99 9.87
N PHE A 358 6.16 -25.06 10.24
CA PHE A 358 5.24 -23.94 10.08
C PHE A 358 5.25 -23.13 11.37
N ASP A 359 5.54 -21.83 11.27
CA ASP A 359 5.55 -20.97 12.44
C ASP A 359 4.11 -20.58 12.73
N MSE A 360 3.47 -21.32 13.62
CA MSE A 360 2.07 -21.10 13.95
C MSE A 360 1.76 -19.72 14.51
O MSE A 360 0.62 -19.29 14.47
CB MSE A 360 1.58 -22.19 14.92
CG MSE A 360 1.77 -23.61 14.39
SE MSE A 360 1.04 -23.94 12.61
CE MSE A 360 -0.85 -24.05 13.01
N LYS A 361 2.77 -19.02 15.01
CA LYS A 361 2.55 -17.67 15.53
C LYS A 361 2.18 -16.70 14.41
N LYS A 362 2.46 -17.09 13.17
CA LYS A 362 2.21 -16.22 12.02
C LYS A 362 1.09 -16.64 11.05
N ILE A 363 0.22 -17.55 11.45
CA ILE A 363 -0.81 -17.99 10.53
C ILE A 363 -2.09 -17.14 10.53
N HIS A 364 -2.93 -17.41 9.55
CA HIS A 364 -4.21 -16.71 9.41
C HIS A 364 -5.27 -17.73 9.06
N ILE A 365 -6.49 -17.46 9.48
CA ILE A 365 -7.62 -18.33 9.18
C ILE A 365 -8.70 -17.44 8.60
N PHE A 366 -9.19 -17.79 7.43
CA PHE A 366 -10.23 -17.01 6.75
C PHE A 366 -11.47 -17.89 6.58
N ARG A 367 -12.64 -17.28 6.69
CA ARG A 367 -13.90 -17.99 6.49
C ARG A 367 -13.92 -18.38 5.02
N LYS A 368 -14.37 -19.59 4.72
CA LYS A 368 -14.40 -20.03 3.35
C LYS A 368 -15.53 -19.40 2.55
N ASP A 369 -16.60 -19.01 3.23
CA ASP A 369 -17.73 -18.41 2.53
C ASP A 369 -17.58 -16.92 2.19
N THR A 370 -17.01 -16.15 3.11
CA THR A 370 -16.84 -14.71 2.87
C THR A 370 -15.38 -14.34 2.63
N GLU A 371 -14.49 -15.27 2.95
CA GLU A 371 -13.05 -15.07 2.81
C GLU A 371 -12.49 -13.94 3.66
N LYS A 372 -13.24 -13.55 4.69
CA LYS A 372 -12.79 -12.52 5.61
C LYS A 372 -11.96 -13.24 6.68
N ALA A 373 -10.97 -12.56 7.23
CA ALA A 373 -10.12 -13.15 8.24
C ALA A 373 -10.74 -13.24 9.63
N ILE A 374 -10.53 -14.36 10.31
CA ILE A 374 -11.00 -14.52 11.68
C ILE A 374 -9.83 -13.92 12.47
N PHE A 375 -8.61 -14.19 11.98
CA PHE A 375 -7.37 -13.63 12.51
C PHE A 375 -6.26 -13.91 11.48
S SO4 B . 1.24 10.66 11.68
O1 SO4 B . 1.15 10.59 10.22
O2 SO4 B . -0.05 11.15 12.22
O3 SO4 B . 2.32 11.60 12.07
O4 SO4 B . 1.52 9.32 12.22
S SO4 C . -1.36 -4.05 -11.68
O1 SO4 C . -2.71 -4.61 -11.87
O2 SO4 C . -0.76 -3.79 -13.00
O3 SO4 C . -0.53 -5.02 -10.94
O4 SO4 C . -1.44 -2.80 -10.92
S SO4 D . 17.32 28.65 -23.17
O1 SO4 D . 17.47 27.73 -24.32
O2 SO4 D . 16.08 29.42 -23.32
O3 SO4 D . 18.47 29.58 -23.14
O4 SO4 D . 17.27 27.87 -21.93
S SO4 E . 8.96 33.34 -16.45
O1 SO4 E . 9.56 32.81 -17.68
O2 SO4 E . 9.85 34.36 -15.86
O3 SO4 E . 8.76 32.25 -15.48
O4 SO4 E . 7.65 33.95 -16.77
S SO4 F . 4.78 2.38 -12.51
O1 SO4 F . 4.40 1.03 -12.97
O2 SO4 F . 6.18 2.65 -12.87
O3 SO4 F . 4.62 2.47 -11.04
O4 SO4 F . 3.90 3.37 -13.16
S SO4 G . 19.85 -28.59 4.14
O1 SO4 G . 20.21 -29.75 3.30
O2 SO4 G . 20.91 -27.57 4.06
O3 SO4 G . 19.71 -29.03 5.55
O4 SO4 G . 18.57 -28.03 3.67
S SO4 H . -9.61 10.63 11.92
O1 SO4 H . -9.22 9.22 11.77
O2 SO4 H . -9.05 11.43 10.81
O3 SO4 H . -9.09 11.14 13.20
O4 SO4 H . -11.09 10.75 11.91
P1 POP I . -6.42 2.97 -11.20
O1 POP I . -6.32 1.89 -10.16
O2 POP I . -6.69 2.42 -12.60
O3 POP I . -5.20 3.86 -11.17
O POP I . -7.72 3.86 -10.75
P2 POP I . -9.06 4.08 -11.69
O4 POP I . -9.72 2.74 -11.79
O5 POP I . -9.87 5.08 -10.95
O6 POP I . -8.57 4.59 -13.03
#